data_4IRT
#
_entry.id   4IRT
#
_cell.length_a   101.457
_cell.length_b   48.051
_cell.length_c   88.599
_cell.angle_alpha   90.000
_cell.angle_beta   90.000
_cell.angle_gamma   90.000
#
_symmetry.space_group_name_H-M   'P 21 21 2'
#
loop_
_entity.id
_entity.type
_entity.pdbx_description
1 polymer 'Uncharacterized protein'
2 non-polymer 'CHLORIDE ION'
3 non-polymer 1,2-ETHANEDIOL
4 water water
#
_entity_poly.entity_id   1
_entity_poly.type   'polypeptide(L)'
_entity_poly.pdbx_seq_one_letter_code
;GCSQHLVEVGKGYSCTSVNTTVFRNNSLVTHGDEQYISYYDNDGYLVLGKRKLDSEQWTLHRTQYQGNVKDAHNIIS
(MSE)(MSE)IDGEGYIHVSFDHHGHPLNYCRSIAPGSLELGDK(MSE)P(MSE)TGVDEGNVTYPEFYPLSGGDLLFVY
RSGSSGRGNLV(MSE)NRYSLKEHKWTRVQDILIDGENKRNAYWQLYVDEKGTIHLSWVWRETWHVETNHDICYARSFDN
GVTWYKTSGERYELPIKLSNAEYACRLPQNCELINQTS(MSE)SADAGGNPYIATYWREPNSDVPQYRIVWNDGK(MSE)
WHQRQITDRQTPFTLKGGGTK(MSE)IPIARPRIVVEGGEVFYIFRDEERGSRVS(MSE)AHATDVGTSKWTITDLTDFS
VDAWEPSHDTELWKKQRKLHLFVQHTRQGDGERTAEIEPQ(MSE)IYVLETN(MSE)DTNK
;
_entity_poly.pdbx_strand_id   A
#
# COMPACT_ATOMS: atom_id res chain seq x y z
N GLN A 4 17.07 16.99 -2.35
N GLN A 4 16.77 16.66 -3.25
CA GLN A 4 16.37 15.69 -2.10
CA GLN A 4 16.40 15.75 -2.12
C GLN A 4 17.36 14.54 -1.98
C GLN A 4 17.65 15.05 -1.58
N HIS A 5 17.48 14.02 -0.75
CA HIS A 5 18.60 13.17 -0.38
C HIS A 5 18.32 11.68 -0.58
N LEU A 6 19.18 11.04 -1.36
CA LEU A 6 19.06 9.63 -1.64
C LEU A 6 20.12 8.85 -0.88
N VAL A 7 19.67 7.83 -0.16
CA VAL A 7 20.54 6.99 0.62
C VAL A 7 20.62 5.63 -0.08
N GLU A 8 21.80 5.27 -0.56
CA GLU A 8 21.96 3.98 -1.22
C GLU A 8 21.71 2.84 -0.24
N VAL A 9 21.00 1.81 -0.73
CA VAL A 9 20.83 0.57 0.00
C VAL A 9 21.65 -0.54 -0.67
N GLY A 10 21.18 -0.97 -1.83
CA GLY A 10 21.83 -2.00 -2.61
C GLY A 10 21.09 -2.28 -3.91
N LYS A 11 21.74 -2.94 -4.85
CA LYS A 11 21.09 -3.24 -6.11
C LYS A 11 20.07 -4.34 -5.92
N GLY A 12 18.98 -4.24 -6.66
CA GLY A 12 17.89 -5.19 -6.57
C GLY A 12 17.35 -5.53 -7.93
N TYR A 13 16.58 -6.62 -8.00
CA TYR A 13 15.93 -7.01 -9.25
C TYR A 13 15.15 -5.86 -9.87
N SER A 14 15.32 -5.65 -11.18
CA SER A 14 14.63 -4.57 -11.90
C SER A 14 13.88 -5.00 -13.16
N CYS A 15 13.87 -6.29 -13.47
CA CYS A 15 13.27 -6.72 -14.73
C CYS A 15 11.74 -6.70 -14.72
N THR A 16 11.17 -6.77 -13.51
CA THR A 16 9.76 -6.49 -13.27
C THR A 16 9.67 -5.47 -12.13
N SER A 17 8.46 -5.01 -11.84
CA SER A 17 8.18 -4.04 -10.77
CA SER A 17 8.26 -4.05 -10.74
C SER A 17 7.90 -4.67 -9.40
N VAL A 18 8.26 -5.94 -9.22
CA VAL A 18 7.96 -6.66 -7.99
C VAL A 18 8.44 -5.96 -6.71
N ASN A 19 9.57 -5.26 -6.78
CA ASN A 19 10.07 -4.55 -5.61
C ASN A 19 9.40 -3.22 -5.37
N THR A 20 8.63 -2.72 -6.36
CA THR A 20 8.17 -1.33 -6.37
C THR A 20 6.66 -1.22 -6.73
N THR A 21 5.79 -1.94 -6.04
CA THR A 21 4.36 -1.77 -6.23
C THR A 21 3.80 -0.95 -5.08
N VAL A 22 2.66 -0.33 -5.33
CA VAL A 22 2.01 0.56 -4.37
C VAL A 22 1.51 -0.24 -3.16
N PHE A 23 1.36 -1.56 -3.32
CA PHE A 23 0.73 -2.39 -2.32
C PHE A 23 1.73 -3.21 -1.47
N ARG A 24 3.00 -2.82 -1.50
CA ARG A 24 3.94 -3.31 -0.52
C ARG A 24 3.67 -2.63 0.82
N ASN A 25 3.21 -3.40 1.79
CA ASN A 25 2.77 -2.88 3.08
C ASN A 25 3.42 -3.72 4.17
N ASN A 26 4.69 -3.48 4.50
CA ASN A 26 5.57 -2.40 4.03
C ASN A 26 6.83 -2.93 3.34
N SER A 27 7.38 -2.09 2.49
CA SER A 27 8.72 -2.33 1.97
C SER A 27 9.78 -1.77 2.92
N LEU A 28 9.38 -0.75 3.68
CA LEU A 28 10.28 0.07 4.52
C LEU A 28 9.53 0.45 5.79
N VAL A 29 10.18 0.27 6.94
CA VAL A 29 9.51 0.48 8.18
C VAL A 29 10.48 0.75 9.31
N THR A 30 10.18 1.80 10.06
CA THR A 30 10.96 2.20 11.24
C THR A 30 10.41 1.59 12.54
N HIS A 31 11.29 1.11 13.39
CA HIS A 31 10.93 0.75 14.77
C HIS A 31 11.98 1.43 15.65
N GLY A 32 11.53 2.35 16.48
CA GLY A 32 12.48 3.12 17.30
C GLY A 32 13.34 4.01 16.41
N ASP A 33 14.66 3.92 16.56
CA ASP A 33 15.56 4.65 15.69
C ASP A 33 16.22 3.79 14.60
N GLU A 34 15.63 2.62 14.31
CA GLU A 34 16.16 1.72 13.28
C GLU A 34 15.15 1.62 12.16
N GLN A 35 15.64 1.59 10.94
CA GLN A 35 14.77 1.42 9.80
C GLN A 35 15.12 0.12 9.08
N TYR A 36 14.08 -0.59 8.68
CA TYR A 36 14.17 -1.89 8.07
C TYR A 36 13.64 -1.81 6.67
N ILE A 37 14.23 -2.62 5.78
CA ILE A 37 13.85 -2.64 4.38
C ILE A 37 13.86 -4.07 3.90
N SER A 38 13.15 -4.34 2.83
CA SER A 38 13.13 -5.68 2.24
C SER A 38 12.98 -5.55 0.74
N TYR A 39 13.61 -6.46 0.02
CA TYR A 39 13.54 -6.51 -1.42
C TYR A 39 14.06 -7.82 -1.92
N TYR A 40 13.81 -8.09 -3.21
CA TYR A 40 14.45 -9.21 -3.88
C TYR A 40 15.72 -8.76 -4.60
N ASP A 41 16.78 -9.51 -4.42
CA ASP A 41 18.01 -9.28 -5.16
C ASP A 41 17.91 -9.82 -6.59
N ASN A 42 18.93 -9.58 -7.39
CA ASN A 42 18.85 -9.97 -8.80
C ASN A 42 18.73 -11.46 -9.05
N ASP A 43 19.12 -12.27 -8.08
CA ASP A 43 18.95 -13.72 -8.15
C ASP A 43 17.60 -14.23 -7.62
N GLY A 44 16.76 -13.30 -7.18
CA GLY A 44 15.46 -13.67 -6.67
C GLY A 44 15.38 -13.94 -5.18
N TYR A 45 16.47 -13.69 -4.46
CA TYR A 45 16.49 -13.92 -3.02
C TYR A 45 15.89 -12.73 -2.28
N LEU A 46 15.13 -13.05 -1.23
CA LEU A 46 14.60 -12.06 -0.33
C LEU A 46 15.76 -11.58 0.51
N VAL A 47 16.02 -10.28 0.46
CA VAL A 47 17.02 -9.62 1.26
C VAL A 47 16.29 -8.79 2.32
N LEU A 48 16.78 -8.82 3.56
CA LEU A 48 16.32 -7.91 4.63
C LEU A 48 17.49 -7.04 5.05
N GLY A 49 17.23 -5.77 5.31
CA GLY A 49 18.25 -4.85 5.75
C GLY A 49 17.78 -3.93 6.86
N LYS A 50 18.74 -3.35 7.57
CA LYS A 50 18.43 -2.37 8.57
C LYS A 50 19.58 -1.38 8.74
N ARG A 51 19.22 -0.19 9.21
CA ARG A 51 20.18 0.82 9.59
C ARG A 51 19.66 1.61 10.79
N LYS A 52 20.58 2.31 11.44
CA LYS A 52 20.18 3.44 12.28
C LYS A 52 19.78 4.59 11.39
N LEU A 53 18.69 5.26 11.76
CA LEU A 53 18.22 6.42 10.99
C LEU A 53 19.25 7.56 10.90
N ASP A 54 20.19 7.62 11.83
CA ASP A 54 21.22 8.66 11.81
C ASP A 54 22.49 8.23 11.07
N SER A 55 22.43 7.09 10.39
CA SER A 55 23.50 6.56 9.58
C SER A 55 23.03 6.25 8.13
N GLU A 56 23.98 6.16 7.21
CA GLU A 56 23.71 5.65 5.89
C GLU A 56 24.34 4.29 5.66
N GLN A 57 24.81 3.66 6.75
CA GLN A 57 25.40 2.33 6.68
CA GLN A 57 25.41 2.33 6.67
C GLN A 57 24.36 1.25 6.99
N TRP A 58 24.03 0.45 5.99
CA TRP A 58 23.09 -0.67 6.12
C TRP A 58 23.79 -1.98 6.47
N THR A 59 23.10 -2.80 7.25
CA THR A 59 23.43 -4.19 7.38
C THR A 59 22.43 -4.90 6.50
N LEU A 60 22.95 -5.68 5.55
CA LEU A 60 22.07 -6.40 4.61
C LEU A 60 22.26 -7.90 4.78
N HIS A 61 21.17 -8.65 4.70
CA HIS A 61 21.22 -10.11 4.92
C HIS A 61 20.41 -10.79 3.83
N ARG A 62 21.09 -11.58 3.00
CA ARG A 62 20.39 -12.43 2.03
C ARG A 62 19.80 -13.63 2.80
N THR A 63 18.49 -13.74 2.81
CA THR A 63 17.81 -14.82 3.53
C THR A 63 17.92 -16.12 2.73
N GLN A 64 17.31 -17.15 3.28
CA GLN A 64 17.31 -18.48 2.71
C GLN A 64 16.19 -18.63 1.69
N TYR A 65 15.40 -17.57 1.47
CA TYR A 65 14.21 -17.64 0.64
C TYR A 65 14.36 -16.89 -0.68
N GLN A 66 13.70 -17.46 -1.70
CA GLN A 66 13.59 -16.85 -3.00
C GLN A 66 12.14 -16.57 -3.31
N GLY A 67 11.90 -15.64 -4.24
CA GLY A 67 10.57 -15.44 -4.80
C GLY A 67 10.53 -15.52 -6.32
N ASN A 68 9.35 -15.77 -6.86
CA ASN A 68 9.14 -15.75 -8.31
C ASN A 68 9.06 -14.31 -8.82
N VAL A 69 10.21 -13.67 -8.90
CA VAL A 69 10.31 -12.26 -9.22
C VAL A 69 9.85 -11.89 -10.64
N LYS A 70 9.81 -12.87 -11.56
CA LYS A 70 9.18 -12.65 -12.87
C LYS A 70 7.69 -12.35 -12.84
N ASP A 71 7.02 -12.62 -11.71
CA ASP A 71 5.62 -12.22 -11.49
C ASP A 71 5.57 -11.06 -10.51
N ALA A 72 5.29 -9.87 -11.03
CA ALA A 72 5.23 -8.65 -10.21
C ALA A 72 4.16 -8.66 -9.14
N HIS A 73 3.24 -9.63 -9.16
CA HIS A 73 2.31 -9.78 -8.05
C HIS A 73 2.96 -10.23 -6.76
N ASN A 74 4.09 -10.92 -6.91
CA ASN A 74 4.64 -11.78 -5.86
C ASN A 74 5.51 -11.01 -4.82
N ILE A 75 4.94 -9.90 -4.35
CA ILE A 75 5.67 -8.94 -3.51
C ILE A 75 5.99 -9.42 -2.10
N ILE A 76 6.86 -8.69 -1.46
CA ILE A 76 7.23 -8.84 -0.06
C ILE A 76 6.56 -7.70 0.73
N SER A 77 5.85 -8.07 1.79
CA SER A 77 5.40 -7.11 2.80
C SER A 77 5.98 -7.49 4.15
N ILE A 80 7.14 -4.64 11.81
CA ILE A 80 7.81 -4.92 13.09
C ILE A 80 6.73 -4.88 14.18
N ASP A 81 6.74 -5.88 15.04
CA ASP A 81 5.78 -5.93 16.15
C ASP A 81 6.35 -5.17 17.36
N GLY A 82 5.60 -5.15 18.46
CA GLY A 82 5.96 -4.35 19.62
C GLY A 82 7.23 -4.80 20.35
N GLU A 83 7.65 -6.05 20.13
CA GLU A 83 8.84 -6.60 20.74
C GLU A 83 10.00 -6.53 19.78
N GLY A 84 9.78 -5.99 18.59
CA GLY A 84 10.86 -5.75 17.70
C GLY A 84 11.15 -6.88 16.72
N TYR A 85 10.25 -7.84 16.61
CA TYR A 85 10.39 -8.96 15.66
C TYR A 85 9.93 -8.50 14.28
N ILE A 86 10.71 -8.83 13.26
CA ILE A 86 10.26 -8.65 11.90
C ILE A 86 9.28 -9.77 11.56
N HIS A 87 8.11 -9.40 11.02
CA HIS A 87 7.19 -10.34 10.40
C HIS A 87 7.22 -10.07 8.90
N VAL A 88 7.33 -11.11 8.09
CA VAL A 88 7.44 -10.93 6.66
C VAL A 88 6.67 -12.02 5.91
N SER A 89 5.97 -11.60 4.87
CA SER A 89 5.17 -12.48 4.05
C SER A 89 5.43 -12.10 2.60
N PHE A 90 5.59 -13.09 1.73
CA PHE A 90 6.15 -12.84 0.41
C PHE A 90 5.76 -13.88 -0.62
N ASP A 91 5.92 -13.50 -1.88
CA ASP A 91 5.96 -14.45 -3.00
C ASP A 91 4.66 -15.24 -3.23
N HIS A 92 3.55 -14.52 -3.35
CA HIS A 92 2.28 -15.14 -3.66
C HIS A 92 1.57 -14.59 -4.90
N HIS A 93 0.95 -15.52 -5.62
CA HIS A 93 -0.07 -15.17 -6.61
C HIS A 93 -1.04 -16.32 -6.71
N GLY A 94 -1.80 -16.51 -5.64
CA GLY A 94 -2.72 -17.61 -5.47
C GLY A 94 -2.04 -18.87 -4.94
N HIS A 95 -1.19 -18.73 -3.92
CA HIS A 95 -0.32 -19.81 -3.47
C HIS A 95 -0.44 -19.98 -1.98
N PRO A 96 0.05 -21.11 -1.45
CA PRO A 96 0.04 -21.25 0.01
C PRO A 96 0.81 -20.14 0.70
N LEU A 97 0.38 -19.75 1.88
CA LEU A 97 1.00 -18.67 2.63
C LEU A 97 2.47 -18.94 2.88
N ASN A 98 3.27 -17.94 2.56
CA ASN A 98 4.69 -17.83 2.92
C ASN A 98 4.84 -16.72 3.95
N TYR A 99 5.22 -17.11 5.17
CA TYR A 99 5.27 -16.24 6.33
C TYR A 99 6.39 -16.69 7.28
N CYS A 100 7.25 -15.75 7.64
CA CYS A 100 8.37 -15.98 8.54
C CYS A 100 8.47 -14.85 9.52
N ARG A 101 9.25 -15.10 10.58
CA ARG A 101 9.52 -14.09 11.60
CA ARG A 101 9.51 -14.11 11.61
C ARG A 101 10.99 -14.14 11.96
N SER A 102 11.52 -12.98 12.39
CA SER A 102 12.85 -12.88 12.98
C SER A 102 13.06 -13.95 14.02
N ILE A 103 14.28 -14.49 14.09
CA ILE A 103 14.60 -15.47 15.14
C ILE A 103 14.77 -14.80 16.51
N ALA A 104 14.96 -13.48 16.53
CA ALA A 104 15.18 -12.72 17.75
C ALA A 104 14.81 -11.26 17.47
N PRO A 105 14.58 -10.44 18.52
CA PRO A 105 14.26 -9.04 18.30
C PRO A 105 15.29 -8.36 17.44
N GLY A 106 14.82 -7.66 16.41
CA GLY A 106 15.69 -6.88 15.53
C GLY A 106 16.59 -7.68 14.59
N SER A 107 16.50 -9.00 14.62
CA SER A 107 17.33 -9.82 13.76
C SER A 107 16.83 -9.90 12.31
N LEU A 108 17.78 -9.87 11.39
CA LEU A 108 17.49 -10.00 9.97
C LEU A 108 17.40 -11.47 9.57
N GLU A 109 17.78 -12.38 10.47
CA GLU A 109 17.67 -13.80 10.22
C GLU A 109 16.26 -14.28 10.54
N LEU A 110 15.74 -15.10 9.63
CA LEU A 110 14.41 -15.62 9.68
C LEU A 110 14.41 -17.11 10.02
N GLY A 111 13.39 -17.56 10.71
CA GLY A 111 13.15 -19.00 10.87
C GLY A 111 12.45 -19.61 9.66
N ASP A 112 11.88 -20.79 9.88
CA ASP A 112 11.15 -21.49 8.84
C ASP A 112 9.81 -20.79 8.56
N LYS A 113 9.28 -21.07 7.37
CA LYS A 113 7.90 -20.69 7.02
C LYS A 113 6.94 -21.32 8.01
N PRO A 115 2.56 -21.31 9.53
CA PRO A 115 1.18 -20.90 9.37
C PRO A 115 0.85 -19.72 10.27
N THR A 117 -3.05 -19.06 11.15
CA THR A 117 -4.10 -19.87 11.83
C THR A 117 -4.20 -21.29 11.25
N GLY A 118 -3.56 -21.52 10.12
CA GLY A 118 -3.65 -22.80 9.42
C GLY A 118 -4.94 -23.02 8.64
N VAL A 119 -5.80 -22.01 8.58
CA VAL A 119 -7.08 -22.11 7.90
C VAL A 119 -7.17 -21.07 6.79
N ASP A 120 -7.63 -21.51 5.61
CA ASP A 120 -7.78 -20.62 4.46
CA ASP A 120 -7.77 -20.65 4.45
C ASP A 120 -6.44 -19.96 4.09
N GLU A 121 -5.34 -20.71 4.16
CA GLU A 121 -4.00 -20.20 3.81
C GLU A 121 -3.41 -20.92 2.59
N GLY A 122 -4.27 -21.50 1.76
CA GLY A 122 -3.86 -22.25 0.57
C GLY A 122 -3.76 -21.44 -0.72
N ASN A 123 -4.34 -20.24 -0.74
CA ASN A 123 -4.54 -19.47 -1.97
C ASN A 123 -4.46 -17.99 -1.71
N VAL A 124 -3.26 -17.54 -1.37
CA VAL A 124 -3.02 -16.19 -0.87
C VAL A 124 -2.53 -15.31 -2.00
N THR A 125 -3.00 -14.06 -1.99
CA THR A 125 -2.42 -13.02 -2.84
C THR A 125 -2.43 -11.73 -1.99
N TYR A 126 -1.47 -10.83 -2.24
CA TYR A 126 -1.45 -9.49 -1.66
C TYR A 126 -1.37 -9.48 -0.12
N PRO A 127 -0.28 -10.04 0.45
CA PRO A 127 -0.07 -9.92 1.88
C PRO A 127 0.18 -8.46 2.31
N GLU A 128 -0.51 -8.02 3.38
CA GLU A 128 -0.34 -6.68 3.94
C GLU A 128 -0.36 -6.74 5.46
N PHE A 129 0.58 -6.02 6.09
CA PHE A 129 0.66 -5.88 7.54
C PHE A 129 0.33 -4.43 7.94
N TYR A 130 -0.26 -4.29 9.13
CA TYR A 130 -0.51 -2.99 9.75
C TYR A 130 -0.30 -3.14 11.24
N PRO A 131 0.33 -2.14 11.87
CA PRO A 131 0.52 -2.20 13.32
C PRO A 131 -0.70 -1.68 14.07
N LEU A 132 -1.03 -2.34 15.18
CA LEU A 132 -2.16 -1.97 16.00
C LEU A 132 -1.62 -1.37 17.28
N SER A 133 -2.47 -0.64 17.99
CA SER A 133 -2.07 -0.08 19.29
C SER A 133 -1.62 -1.17 20.23
N GLY A 134 -0.55 -0.91 20.97
CA GLY A 134 -0.05 -1.84 21.97
C GLY A 134 0.94 -2.89 21.50
N GLY A 135 1.31 -2.89 20.23
CA GLY A 135 2.33 -3.82 19.75
C GLY A 135 1.84 -5.02 18.95
N ASP A 136 0.52 -5.26 18.95
CA ASP A 136 -0.11 -6.32 18.16
C ASP A 136 0.00 -5.96 16.66
N LEU A 137 -0.22 -6.94 15.78
CA LEU A 137 -0.24 -6.69 14.35
C LEU A 137 -1.54 -7.13 13.72
N LEU A 138 -1.88 -6.48 12.60
CA LEU A 138 -2.95 -6.91 11.70
C LEU A 138 -2.33 -7.47 10.43
N PHE A 139 -2.93 -8.52 9.89
CA PHE A 139 -2.54 -9.04 8.59
C PHE A 139 -3.78 -9.17 7.76
N VAL A 140 -3.68 -8.71 6.53
CA VAL A 140 -4.78 -8.79 5.59
C VAL A 140 -4.26 -9.41 4.30
N TYR A 141 -5.09 -10.26 3.68
CA TYR A 141 -4.74 -10.82 2.38
C TYR A 141 -6.01 -11.17 1.62
N ARG A 142 -5.83 -11.42 0.33
CA ARG A 142 -6.90 -11.91 -0.54
CA ARG A 142 -6.86 -11.89 -0.58
C ARG A 142 -6.77 -13.43 -0.66
N SER A 143 -7.83 -14.12 -0.30
CA SER A 143 -7.88 -15.56 -0.43
C SER A 143 -8.69 -15.95 -1.66
N GLY A 144 -8.14 -16.84 -2.49
CA GLY A 144 -8.91 -17.41 -3.61
C GLY A 144 -8.05 -17.49 -4.86
N SER A 145 -8.42 -18.39 -5.76
CA SER A 145 -7.76 -18.53 -7.05
CA SER A 145 -7.77 -18.50 -7.06
C SER A 145 -8.83 -18.52 -8.15
N SER A 146 -8.39 -18.37 -9.39
CA SER A 146 -9.25 -18.47 -10.57
C SER A 146 -10.35 -17.45 -10.55
N GLY A 147 -10.01 -16.27 -10.02
CA GLY A 147 -10.93 -15.15 -9.98
C GLY A 147 -11.61 -14.93 -8.64
N ARG A 148 -11.63 -15.94 -7.78
CA ARG A 148 -12.19 -15.76 -6.44
C ARG A 148 -11.26 -14.90 -5.61
N GLY A 149 -11.89 -14.15 -4.71
CA GLY A 149 -11.24 -13.18 -3.91
C GLY A 149 -12.15 -13.01 -2.72
N ASN A 150 -11.51 -12.95 -1.56
CA ASN A 150 -12.18 -12.61 -0.32
C ASN A 150 -11.16 -12.00 0.61
N LEU A 151 -11.53 -10.92 1.27
CA LEU A 151 -10.64 -10.28 2.23
C LEU A 151 -10.60 -11.07 3.54
N VAL A 152 -9.40 -11.52 3.94
CA VAL A 152 -9.24 -12.21 5.21
C VAL A 152 -8.32 -11.38 6.09
N ASN A 154 -6.53 -11.13 10.00
CA ASN A 154 -6.04 -11.77 11.20
C ASN A 154 -5.38 -10.77 12.12
N ARG A 155 -5.22 -11.16 13.39
CA ARG A 155 -4.54 -10.37 14.38
C ARG A 155 -3.47 -11.18 15.09
N TYR A 156 -2.32 -10.56 15.32
CA TYR A 156 -1.21 -11.19 16.05
C TYR A 156 -1.18 -10.63 17.46
N SER A 157 -1.40 -11.50 18.43
CA SER A 157 -1.37 -11.09 19.83
C SER A 157 0.06 -11.19 20.31
N LEU A 158 0.63 -10.06 20.67
CA LEU A 158 2.00 -10.01 21.14
C LEU A 158 2.12 -10.82 22.42
N LYS A 159 1.07 -10.75 23.23
CA LYS A 159 1.00 -11.45 24.52
C LYS A 159 1.11 -12.97 24.37
N GLU A 160 0.27 -13.54 23.53
CA GLU A 160 0.23 -15.00 23.34
C GLU A 160 1.17 -15.44 22.24
N HIS A 161 1.77 -14.49 21.51
CA HIS A 161 2.53 -14.79 20.31
C HIS A 161 1.80 -15.71 19.35
N LYS A 162 0.54 -15.38 19.04
CA LYS A 162 -0.22 -16.17 18.07
CA LYS A 162 -0.27 -16.19 18.13
C LYS A 162 -1.21 -15.32 17.29
N TRP A 163 -1.58 -15.86 16.15
CA TRP A 163 -2.50 -15.23 15.22
C TRP A 163 -3.88 -15.81 15.42
N THR A 164 -4.90 -14.96 15.35
CA THR A 164 -6.26 -15.41 15.30
CA THR A 164 -6.30 -15.36 15.37
C THR A 164 -7.04 -14.67 14.23
N ARG A 165 -8.06 -15.33 13.69
CA ARG A 165 -8.90 -14.73 12.68
C ARG A 165 -9.74 -13.60 13.30
N VAL A 166 -9.79 -12.46 12.64
CA VAL A 166 -10.66 -11.33 13.04
C VAL A 166 -11.92 -11.30 12.20
N GLN A 167 -11.77 -11.31 10.88
CA GLN A 167 -12.93 -11.44 10.02
C GLN A 167 -12.67 -12.44 8.92
N ASP A 168 -13.61 -13.36 8.79
CA ASP A 168 -13.71 -14.32 7.71
C ASP A 168 -14.42 -13.71 6.52
N ILE A 169 -15.50 -12.97 6.77
CA ILE A 169 -16.16 -12.23 5.71
CA ILE A 169 -16.16 -12.22 5.70
C ILE A 169 -16.52 -10.80 6.12
N LEU A 170 -15.73 -9.86 5.61
CA LEU A 170 -15.90 -8.46 5.91
C LEU A 170 -16.55 -7.74 4.74
N ILE A 171 -16.05 -7.99 3.53
CA ILE A 171 -16.61 -7.43 2.30
C ILE A 171 -17.16 -8.61 1.50
N ASP A 172 -18.45 -8.53 1.14
CA ASP A 172 -19.15 -9.61 0.49
C ASP A 172 -19.41 -9.24 -0.97
N GLY A 173 -18.77 -9.96 -1.87
CA GLY A 173 -18.98 -9.84 -3.31
C GLY A 173 -20.19 -10.61 -3.80
N GLU A 174 -20.86 -11.34 -2.90
CA GLU A 174 -22.13 -12.00 -3.16
C GLU A 174 -22.10 -12.92 -4.38
N ASN A 175 -20.98 -13.59 -4.56
CA ASN A 175 -20.74 -14.46 -5.73
C ASN A 175 -20.95 -13.79 -7.08
N LYS A 176 -20.77 -12.47 -7.13
CA LYS A 176 -21.05 -11.65 -8.30
C LYS A 176 -19.85 -10.81 -8.70
N ARG A 177 -19.23 -10.19 -7.68
CA ARG A 177 -18.24 -9.14 -7.89
C ARG A 177 -17.05 -9.32 -6.95
N ASN A 178 -15.94 -8.71 -7.32
CA ASN A 178 -14.78 -8.64 -6.49
C ASN A 178 -14.65 -7.24 -5.89
N ALA A 179 -13.78 -7.12 -4.91
CA ALA A 179 -13.32 -5.84 -4.38
C ALA A 179 -11.80 -5.77 -4.41
N TYR A 180 -11.26 -4.54 -4.47
CA TYR A 180 -9.85 -4.25 -4.26
C TYR A 180 -9.77 -3.15 -3.25
N TRP A 181 -9.02 -3.42 -2.19
CA TRP A 181 -9.02 -2.60 -0.99
C TRP A 181 -7.66 -2.04 -0.64
N GLN A 182 -7.67 -1.07 0.28
CA GLN A 182 -6.49 -0.55 0.97
C GLN A 182 -6.88 -0.10 2.37
N LEU A 183 -5.93 -0.14 3.29
CA LEU A 183 -6.17 0.15 4.69
C LEU A 183 -5.09 1.04 5.24
N TYR A 184 -5.36 1.55 6.42
CA TYR A 184 -4.42 2.35 7.18
C TYR A 184 -4.84 2.33 8.64
N VAL A 185 -3.87 2.22 9.55
CA VAL A 185 -4.19 2.30 10.97
C VAL A 185 -3.70 3.64 11.45
N ASP A 186 -4.61 4.47 11.92
CA ASP A 186 -4.26 5.86 12.22
C ASP A 186 -3.53 5.98 13.56
N GLU A 187 -3.17 7.19 13.90
CA GLU A 187 -2.37 7.42 15.12
C GLU A 187 -3.15 7.20 16.41
N LYS A 188 -4.46 7.01 16.29
CA LYS A 188 -5.32 6.66 17.44
C LYS A 188 -5.65 5.17 17.51
N GLY A 189 -5.12 4.41 16.54
CA GLY A 189 -5.29 2.97 16.50
C GLY A 189 -6.55 2.53 15.77
N THR A 190 -7.24 3.47 15.13
CA THR A 190 -8.40 3.13 14.30
C THR A 190 -7.96 2.50 12.97
N ILE A 191 -8.63 1.43 12.58
CA ILE A 191 -8.36 0.77 11.30
C ILE A 191 -9.30 1.38 10.27
N HIS A 192 -8.72 1.96 9.22
CA HIS A 192 -9.48 2.48 8.12
C HIS A 192 -9.44 1.51 6.95
N LEU A 193 -10.53 1.42 6.22
CA LEU A 193 -10.64 0.53 5.06
C LEU A 193 -11.42 1.20 3.94
N SER A 194 -10.86 1.20 2.74
CA SER A 194 -11.58 1.66 1.54
C SER A 194 -11.34 0.67 0.40
N TRP A 195 -12.25 0.71 -0.59
CA TRP A 195 -12.19 -0.24 -1.70
C TRP A 195 -12.99 0.24 -2.89
N VAL A 196 -12.73 -0.37 -4.03
CA VAL A 196 -13.54 -0.22 -5.24
C VAL A 196 -14.13 -1.59 -5.53
N TRP A 197 -15.27 -1.60 -6.16
CA TRP A 197 -15.83 -2.81 -6.65
C TRP A 197 -15.27 -3.09 -8.02
N ARG A 198 -15.14 -4.37 -8.35
CA ARG A 198 -14.95 -4.73 -9.75
C ARG A 198 -16.04 -5.72 -10.13
N GLU A 199 -16.84 -5.33 -11.10
CA GLU A 199 -18.05 -6.04 -11.39
C GLU A 199 -17.81 -7.40 -12.06
N THR A 200 -16.83 -7.49 -12.98
CA THR A 200 -16.50 -8.75 -13.63
C THR A 200 -15.01 -8.81 -13.98
N TRP A 201 -14.60 -9.70 -14.88
CA TRP A 201 -13.17 -9.90 -15.16
C TRP A 201 -12.41 -8.61 -15.45
N HIS A 202 -13.03 -7.73 -16.21
CA HIS A 202 -12.29 -6.67 -16.87
C HIS A 202 -12.12 -5.41 -16.02
N VAL A 203 -10.93 -4.85 -16.11
CA VAL A 203 -10.56 -3.67 -15.31
C VAL A 203 -11.50 -2.48 -15.51
N GLU A 204 -12.05 -2.29 -16.71
CA GLU A 204 -13.00 -1.20 -16.95
C GLU A 204 -14.31 -1.31 -16.19
N THR A 205 -14.54 -2.45 -15.53
CA THR A 205 -15.73 -2.67 -14.74
C THR A 205 -15.51 -2.36 -13.25
N ASN A 206 -14.36 -1.77 -12.90
CA ASN A 206 -14.19 -1.15 -11.59
C ASN A 206 -15.22 -0.02 -11.44
N HIS A 207 -15.77 0.12 -10.24
CA HIS A 207 -16.64 1.23 -9.95
C HIS A 207 -16.72 1.51 -8.47
N ASP A 208 -16.91 2.80 -8.15
CA ASP A 208 -17.15 3.32 -6.80
C ASP A 208 -15.94 3.24 -5.86
N ILE A 209 -15.98 4.11 -4.84
CA ILE A 209 -15.06 4.07 -3.71
C ILE A 209 -15.88 4.01 -2.43
N CYS A 210 -15.66 2.96 -1.65
CA CYS A 210 -16.43 2.70 -0.43
C CYS A 210 -15.51 2.75 0.80
N TYR A 211 -16.08 2.82 1.99
CA TYR A 211 -15.31 3.10 3.19
C TYR A 211 -15.93 2.44 4.43
N ALA A 212 -15.07 1.99 5.34
CA ALA A 212 -15.48 1.60 6.65
C ALA A 212 -14.33 1.80 7.61
N ARG A 213 -14.64 1.90 8.89
CA ARG A 213 -13.59 1.96 9.94
C ARG A 213 -13.97 1.21 11.21
N SER A 214 -12.96 0.78 11.94
CA SER A 214 -13.16 0.00 13.16
C SER A 214 -12.33 0.60 14.28
N PHE A 215 -12.97 0.78 15.44
CA PHE A 215 -12.33 1.32 16.64
C PHE A 215 -11.93 0.25 17.68
N ASP A 216 -12.21 -1.02 17.39
CA ASP A 216 -11.97 -2.12 18.33
C ASP A 216 -11.19 -3.27 17.66
N ASN A 217 -10.15 -2.90 16.93
CA ASN A 217 -9.24 -3.83 16.28
C ASN A 217 -9.88 -4.80 15.33
N GLY A 218 -10.91 -4.32 14.64
CA GLY A 218 -11.52 -5.07 13.56
C GLY A 218 -12.76 -5.89 13.87
N VAL A 219 -13.22 -5.90 15.12
CA VAL A 219 -14.38 -6.70 15.51
C VAL A 219 -15.67 -6.10 14.94
N THR A 220 -15.86 -4.80 15.14
CA THR A 220 -17.02 -4.09 14.61
C THR A 220 -16.61 -2.91 13.76
N TRP A 221 -17.49 -2.53 12.84
CA TRP A 221 -17.16 -1.58 11.77
C TRP A 221 -18.25 -0.52 11.65
N TYR A 222 -17.82 0.72 11.38
CA TYR A 222 -18.68 1.92 11.36
C TYR A 222 -18.59 2.72 10.07
N LYS A 223 -19.65 3.46 9.78
CA LYS A 223 -19.62 4.49 8.76
C LYS A 223 -19.19 5.78 9.42
N THR A 224 -18.76 6.74 8.59
CA THR A 224 -18.38 8.07 9.08
C THR A 224 -19.53 8.77 9.80
N SER A 225 -20.74 8.49 9.33
CA SER A 225 -21.93 9.11 9.83
C SER A 225 -22.42 8.46 11.14
N GLY A 226 -21.70 7.45 11.62
CA GLY A 226 -21.92 6.91 12.95
C GLY A 226 -22.65 5.58 13.05
N GLU A 227 -23.26 5.12 11.95
CA GLU A 227 -23.97 3.84 11.99
C GLU A 227 -22.97 2.70 12.11
N ARG A 228 -23.31 1.73 12.93
CA ARG A 228 -22.58 0.46 12.94
C ARG A 228 -23.04 -0.40 11.78
N TYR A 229 -22.11 -0.91 11.00
CA TYR A 229 -22.45 -1.86 9.94
C TYR A 229 -23.00 -3.19 10.45
N GLU A 230 -24.02 -3.69 9.76
CA GLU A 230 -24.36 -5.10 9.87
C GLU A 230 -23.47 -5.81 8.88
N LEU A 231 -22.64 -6.74 9.35
CA LEU A 231 -21.68 -7.42 8.49
C LEU A 231 -22.32 -8.62 7.79
N PRO A 232 -21.80 -8.98 6.61
CA PRO A 232 -20.70 -8.38 5.91
C PRO A 232 -21.16 -7.16 5.11
N ILE A 233 -20.18 -6.41 4.58
CA ILE A 233 -20.52 -5.20 3.84
C ILE A 233 -20.65 -5.56 2.39
N LYS A 234 -21.83 -5.25 1.82
CA LYS A 234 -22.20 -5.55 0.45
C LYS A 234 -22.40 -4.26 -0.35
N LEU A 235 -22.60 -4.42 -1.66
CA LEU A 235 -22.98 -3.31 -2.54
C LEU A 235 -24.06 -2.44 -1.92
N SER A 236 -25.09 -3.07 -1.37
CA SER A 236 -26.25 -2.34 -0.92
C SER A 236 -26.04 -1.48 0.33
N ASN A 237 -25.24 -1.93 1.30
CA ASN A 237 -25.12 -1.23 2.59
C ASN A 237 -23.82 -0.47 2.77
N ALA A 238 -22.90 -0.62 1.82
CA ALA A 238 -21.60 0.05 1.93
C ALA A 238 -21.79 1.57 1.97
N GLU A 239 -20.88 2.25 2.68
CA GLU A 239 -20.79 3.68 2.63
C GLU A 239 -20.04 4.06 1.35
N TYR A 240 -20.65 4.90 0.52
CA TYR A 240 -19.98 5.40 -0.68
C TYR A 240 -19.26 6.71 -0.39
N ALA A 241 -17.94 6.64 -0.36
CA ALA A 241 -17.12 7.83 -0.28
C ALA A 241 -17.16 8.65 -1.57
N CYS A 242 -17.23 7.96 -2.70
CA CYS A 242 -17.34 8.63 -4.00
C CYS A 242 -17.97 7.68 -4.97
N ARG A 243 -19.12 8.09 -5.51
CA ARG A 243 -19.80 7.30 -6.53
CA ARG A 243 -19.84 7.32 -6.52
C ARG A 243 -19.20 7.57 -7.89
N LEU A 244 -18.70 6.50 -8.53
CA LEU A 244 -18.02 6.61 -9.81
C LEU A 244 -18.41 5.43 -10.66
N PRO A 245 -18.73 5.69 -11.94
CA PRO A 245 -19.23 4.62 -12.79
C PRO A 245 -18.14 3.66 -13.30
N GLN A 246 -18.58 2.60 -13.96
CA GLN A 246 -17.66 1.81 -14.76
C GLN A 246 -17.22 2.71 -15.93
N ASN A 247 -16.10 2.35 -16.55
CA ASN A 247 -15.57 3.04 -17.73
CA ASN A 247 -15.59 3.05 -17.73
C ASN A 247 -15.19 4.50 -17.50
N CYS A 248 -14.67 4.82 -16.31
CA CYS A 248 -14.09 6.13 -16.09
C CYS A 248 -12.62 6.07 -15.72
N GLU A 249 -11.98 4.94 -16.06
CA GLU A 249 -10.55 4.71 -15.82
C GLU A 249 -10.21 4.72 -14.32
N LEU A 250 -11.17 4.35 -13.49
CA LEU A 250 -10.96 4.20 -12.07
C LEU A 250 -10.09 2.96 -11.83
N ILE A 251 -8.99 3.17 -11.13
CA ILE A 251 -7.99 2.12 -10.92
C ILE A 251 -8.29 1.42 -9.61
N ASN A 252 -7.81 0.19 -9.50
CA ASN A 252 -7.93 -0.60 -8.29
C ASN A 252 -6.59 -0.78 -7.58
N GLN A 253 -6.68 -0.93 -6.25
CA GLN A 253 -5.60 -1.26 -5.34
C GLN A 253 -4.63 -0.08 -5.25
N THR A 254 -5.01 0.96 -4.52
CA THR A 254 -4.16 2.14 -4.39
C THR A 254 -3.71 2.22 -2.92
N SER A 255 -3.99 3.33 -2.24
CA SER A 255 -3.52 3.50 -0.88
C SER A 255 -4.38 4.55 -0.19
N SER A 257 -4.66 7.02 3.79
CA SER A 257 -4.04 7.50 5.01
C SER A 257 -5.11 8.16 5.88
N ALA A 258 -4.64 8.74 6.97
CA ALA A 258 -5.49 9.49 7.87
C ALA A 258 -4.64 10.56 8.56
N ASP A 259 -5.30 11.64 8.99
CA ASP A 259 -4.63 12.61 9.80
C ASP A 259 -4.67 12.17 11.28
N ALA A 260 -4.00 12.96 12.12
CA ALA A 260 -3.89 12.66 13.55
C ALA A 260 -5.28 12.58 14.23
N GLY A 261 -6.21 13.39 13.75
CA GLY A 261 -7.59 13.43 14.22
C GLY A 261 -8.44 12.24 13.79
N GLY A 262 -7.94 11.42 12.87
CA GLY A 262 -8.65 10.23 12.44
C GLY A 262 -9.55 10.40 11.21
N ASN A 263 -9.42 11.52 10.50
CA ASN A 263 -10.11 11.73 9.21
C ASN A 263 -9.37 10.98 8.07
N PRO A 264 -10.13 10.22 7.23
CA PRO A 264 -9.51 9.38 6.18
C PRO A 264 -9.30 10.14 4.88
N TYR A 265 -8.22 9.77 4.20
CA TYR A 265 -7.83 10.32 2.92
C TYR A 265 -7.49 9.17 1.98
N ILE A 266 -8.02 9.21 0.76
CA ILE A 266 -7.83 8.12 -0.22
C ILE A 266 -7.24 8.68 -1.51
N ALA A 267 -6.15 8.10 -2.00
CA ALA A 267 -5.46 8.58 -3.20
C ALA A 267 -5.63 7.59 -4.34
N THR A 268 -6.06 8.10 -5.48
CA THR A 268 -6.34 7.27 -6.63
C THR A 268 -6.36 8.13 -7.89
N TYR A 269 -6.91 7.55 -8.98
CA TYR A 269 -7.11 8.30 -10.21
C TYR A 269 -8.33 7.81 -11.01
N TRP A 270 -8.87 8.72 -11.81
CA TRP A 270 -9.93 8.45 -12.77
C TRP A 270 -10.08 9.66 -13.71
N ARG A 271 -10.80 9.49 -14.83
CA ARG A 271 -10.95 10.59 -15.81
C ARG A 271 -12.18 11.49 -15.58
N GLU A 272 -12.07 12.72 -16.04
CA GLU A 272 -13.26 13.59 -16.17
C GLU A 272 -14.24 13.02 -17.21
N PRO A 273 -15.55 13.30 -17.05
CA PRO A 273 -16.51 12.78 -18.02
C PRO A 273 -16.23 13.24 -19.44
N ASN A 274 -15.89 14.52 -19.60
CA ASN A 274 -15.69 15.07 -20.92
C ASN A 274 -14.24 15.01 -21.40
N SER A 275 -13.57 13.88 -21.17
CA SER A 275 -12.15 13.75 -21.43
C SER A 275 -11.81 12.27 -21.62
N ASP A 276 -10.65 11.98 -22.20
CA ASP A 276 -10.11 10.58 -22.21
C ASP A 276 -8.82 10.49 -21.35
N VAL A 277 -8.59 11.49 -20.50
CA VAL A 277 -7.33 11.58 -19.75
C VAL A 277 -7.51 11.32 -18.24
N PRO A 278 -6.97 10.21 -17.73
CA PRO A 278 -7.08 9.95 -16.30
C PRO A 278 -6.32 11.00 -15.52
N GLN A 279 -6.83 11.36 -14.33
CA GLN A 279 -6.25 12.41 -13.51
C GLN A 279 -6.17 11.90 -12.10
N TYR A 280 -5.09 12.26 -11.42
CA TYR A 280 -4.92 11.98 -10.01
C TYR A 280 -5.93 12.72 -9.14
N ARG A 281 -6.40 12.03 -8.09
CA ARG A 281 -7.44 12.49 -7.21
C ARG A 281 -7.11 12.22 -5.76
N ILE A 282 -7.68 13.03 -4.89
CA ILE A 282 -7.79 12.71 -3.48
C ILE A 282 -9.26 12.79 -3.03
N VAL A 283 -9.67 11.84 -2.18
CA VAL A 283 -11.01 11.79 -1.61
C VAL A 283 -10.81 11.70 -0.10
N TRP A 284 -11.52 12.54 0.65
CA TRP A 284 -11.37 12.53 2.10
C TRP A 284 -12.65 12.98 2.79
N ASN A 285 -12.74 12.64 4.07
CA ASN A 285 -13.91 12.94 4.88
C ASN A 285 -13.47 13.78 6.05
N ASP A 286 -14.18 14.88 6.30
CA ASP A 286 -13.79 15.88 7.31
C ASP A 286 -14.50 15.66 8.66
N GLY A 287 -15.20 14.55 8.77
CA GLY A 287 -16.00 14.20 9.94
C GLY A 287 -17.47 14.30 9.57
N LYS A 288 -17.79 15.15 8.58
CA LYS A 288 -19.18 15.42 8.25
C LYS A 288 -19.54 15.16 6.80
N TRP A 290 -17.86 13.97 2.66
CA TRP A 290 -16.83 13.55 1.71
C TRP A 290 -16.57 14.65 0.67
N HIS A 291 -15.31 14.77 0.27
CA HIS A 291 -14.84 15.76 -0.70
C HIS A 291 -13.92 15.07 -1.68
N GLN A 292 -13.73 15.68 -2.84
CA GLN A 292 -12.81 15.22 -3.83
C GLN A 292 -12.05 16.40 -4.41
N ARG A 293 -10.79 16.18 -4.79
CA ARG A 293 -10.07 17.16 -5.57
CA ARG A 293 -9.97 17.17 -5.52
C ARG A 293 -9.20 16.46 -6.61
N GLN A 294 -9.03 17.15 -7.73
CA GLN A 294 -8.12 16.72 -8.79
C GLN A 294 -6.74 17.37 -8.53
N ILE A 295 -5.70 16.57 -8.67
CA ILE A 295 -4.37 16.94 -8.24
C ILE A 295 -3.58 17.59 -9.35
N THR A 296 -3.57 17.03 -10.55
CA THR A 296 -2.79 17.66 -11.66
C THR A 296 -3.70 17.88 -12.87
N ASP A 297 -3.18 18.52 -13.90
CA ASP A 297 -3.94 18.75 -15.12
C ASP A 297 -3.20 18.05 -16.24
N ARG A 298 -3.24 16.73 -16.22
CA ARG A 298 -2.58 15.92 -17.25
C ARG A 298 -3.24 16.16 -18.61
N GLN A 299 -2.43 16.04 -19.66
CA GLN A 299 -2.83 16.23 -21.06
C GLN A 299 -2.87 14.94 -21.88
N THR A 300 -2.16 13.91 -21.43
CA THR A 300 -1.89 12.73 -22.23
C THR A 300 -2.84 11.58 -21.85
N PRO A 301 -3.70 11.18 -22.78
CA PRO A 301 -4.68 10.13 -22.55
C PRO A 301 -4.07 8.76 -22.43
N PHE A 302 -4.76 7.89 -21.70
CA PHE A 302 -4.54 6.45 -21.78
C PHE A 302 -5.81 5.79 -21.30
N THR A 303 -5.90 4.48 -21.51
CA THR A 303 -7.03 3.70 -21.04
C THR A 303 -6.53 2.45 -20.43
N LEU A 304 -7.25 1.98 -19.42
CA LEU A 304 -6.92 0.72 -18.73
C LEU A 304 -7.40 -0.51 -19.52
N LYS A 305 -8.48 -0.34 -20.28
CA LYS A 305 -9.07 -1.42 -21.05
C LYS A 305 -8.07 -2.04 -22.03
N GLY A 306 -8.06 -3.38 -22.11
CA GLY A 306 -7.25 -4.11 -23.07
C GLY A 306 -5.80 -4.14 -22.67
N ILE A 312 1.13 0.83 -17.42
CA ILE A 312 0.28 2.00 -17.23
C ILE A 312 1.23 3.21 -17.07
N PRO A 313 0.96 4.31 -17.79
CA PRO A 313 1.87 5.44 -17.85
C PRO A 313 2.03 6.23 -16.56
N ILE A 314 1.13 6.01 -15.59
CA ILE A 314 1.23 6.67 -14.30
C ILE A 314 1.18 5.61 -13.18
N ALA A 315 1.79 5.96 -12.06
CA ALA A 315 1.81 5.08 -10.89
C ALA A 315 0.58 5.30 -10.03
N ARG A 316 0.14 4.25 -9.37
CA ARG A 316 -0.80 4.41 -8.29
C ARG A 316 -0.10 5.17 -7.12
N PRO A 317 -0.82 6.07 -6.46
CA PRO A 317 -0.17 7.01 -5.56
C PRO A 317 -0.09 6.65 -4.09
N ARG A 318 0.75 7.37 -3.38
CA ARG A 318 0.77 7.35 -1.90
C ARG A 318 0.63 8.77 -1.40
N ILE A 319 0.17 8.91 -0.15
CA ILE A 319 0.00 10.21 0.49
C ILE A 319 0.40 10.15 1.95
N VAL A 320 0.86 11.29 2.46
CA VAL A 320 0.87 11.51 3.91
C VAL A 320 0.21 12.86 4.17
N VAL A 321 -0.42 12.96 5.34
CA VAL A 321 -1.17 14.14 5.71
C VAL A 321 -0.72 14.67 7.08
N GLU A 322 -0.72 16.00 7.19
CA GLU A 322 -0.42 16.69 8.44
CA GLU A 322 -0.40 16.71 8.42
C GLU A 322 -1.47 17.79 8.60
N GLY A 323 -2.54 17.53 9.34
N GLY A 323 -2.48 17.50 9.41
CA GLY A 323 -3.56 18.57 9.61
CA GLY A 323 -3.67 18.32 9.48
C GLY A 323 -4.10 19.31 8.39
C GLY A 323 -4.44 18.11 8.21
N GLY A 324 -4.54 18.55 7.39
N GLY A 324 -4.61 19.18 7.44
CA GLY A 324 -5.04 19.14 6.16
CA GLY A 324 -5.06 19.07 6.07
C GLY A 324 -3.99 19.36 5.07
C GLY A 324 -3.97 19.47 5.07
N GLU A 325 -2.71 19.39 5.47
CA GLU A 325 -1.62 19.55 4.52
C GLU A 325 -1.30 18.17 3.93
N VAL A 326 -1.18 18.11 2.62
CA VAL A 326 -1.03 16.84 1.92
C VAL A 326 0.22 16.82 1.05
N PHE A 327 0.97 15.72 1.18
CA PHE A 327 2.07 15.39 0.29
C PHE A 327 1.67 14.14 -0.48
N TYR A 328 1.63 14.27 -1.81
CA TYR A 328 1.05 13.29 -2.71
C TYR A 328 2.12 12.82 -3.68
N ILE A 329 2.51 11.54 -3.56
CA ILE A 329 3.64 10.99 -4.28
C ILE A 329 3.15 10.15 -5.47
N PHE A 330 3.73 10.42 -6.64
CA PHE A 330 3.34 9.78 -7.87
C PHE A 330 4.49 9.66 -8.87
N ARG A 331 4.18 9.12 -10.04
CA ARG A 331 5.16 9.00 -11.13
C ARG A 331 4.37 9.06 -12.41
N ASP A 332 4.84 9.86 -13.36
CA ASP A 332 4.07 10.14 -14.58
C ASP A 332 5.00 10.21 -15.79
N GLU A 333 4.67 9.45 -16.84
CA GLU A 333 5.37 9.58 -18.13
C GLU A 333 5.45 11.03 -18.64
N GLU A 334 4.42 11.81 -18.36
CA GLU A 334 4.44 13.24 -18.71
C GLU A 334 5.57 14.02 -18.07
N ARG A 335 6.07 13.54 -16.93
CA ARG A 335 7.19 14.16 -16.23
C ARG A 335 8.46 13.32 -16.34
N GLY A 336 8.55 12.47 -17.36
CA GLY A 336 9.74 11.64 -17.53
C GLY A 336 9.85 10.47 -16.57
N SER A 337 8.73 10.07 -15.97
CA SER A 337 8.69 8.93 -15.03
C SER A 337 9.66 9.11 -13.87
N ARG A 338 9.83 10.35 -13.44
CA ARG A 338 10.58 10.64 -12.22
CA ARG A 338 10.56 10.68 -12.21
C ARG A 338 9.71 10.33 -11.00
N VAL A 339 10.30 10.30 -9.82
CA VAL A 339 9.50 10.31 -8.61
C VAL A 339 9.02 11.74 -8.51
N SER A 340 7.72 11.94 -8.38
CA SER A 340 7.18 13.29 -8.30
C SER A 340 6.34 13.47 -7.07
N ALA A 342 3.21 16.15 -5.34
CA ALA A 342 2.29 17.28 -5.33
C ALA A 342 1.96 17.64 -3.89
N HIS A 343 1.93 18.93 -3.61
CA HIS A 343 1.79 19.45 -2.27
C HIS A 343 0.64 20.45 -2.21
N ALA A 344 -0.22 20.31 -1.20
CA ALA A 344 -1.29 21.31 -0.92
C ALA A 344 -1.15 21.70 0.54
N THR A 345 -1.05 22.99 0.81
CA THR A 345 -1.03 23.45 2.19
C THR A 345 -2.35 23.11 2.91
N ASP A 346 -3.44 23.26 2.16
CA ASP A 346 -4.79 22.99 2.62
C ASP A 346 -5.49 22.23 1.50
N VAL A 347 -5.82 20.99 1.80
CA VAL A 347 -6.38 20.06 0.82
C VAL A 347 -7.64 20.60 0.11
N GLY A 348 -8.48 21.27 0.89
CA GLY A 348 -9.75 21.80 0.41
C GLY A 348 -9.59 22.93 -0.59
N THR A 349 -8.60 23.83 -0.38
CA THR A 349 -8.53 25.08 -1.18
C THR A 349 -7.25 25.40 -1.93
N SER A 350 -6.11 24.82 -1.53
CA SER A 350 -4.86 25.16 -2.19
C SER A 350 -4.77 24.64 -3.62
N LYS A 351 -4.02 25.38 -4.41
CA LYS A 351 -3.43 24.80 -5.60
C LYS A 351 -2.41 23.73 -5.20
N TRP A 352 -2.27 22.73 -6.05
CA TRP A 352 -1.30 21.67 -5.81
C TRP A 352 -0.03 22.02 -6.56
N THR A 353 1.09 22.20 -5.84
CA THR A 353 2.37 22.49 -6.46
CA THR A 353 2.35 22.49 -6.52
C THR A 353 3.15 21.18 -6.71
N ILE A 354 3.69 21.04 -7.91
CA ILE A 354 4.33 19.80 -8.32
C ILE A 354 5.80 20.00 -8.37
N THR A 355 6.53 19.03 -7.83
CA THR A 355 7.98 19.00 -7.93
C THR A 355 8.41 17.57 -8.26
N ASP A 356 9.63 17.44 -8.76
CA ASP A 356 10.22 16.13 -8.99
C ASP A 356 11.22 15.86 -7.89
N LEU A 357 11.17 14.68 -7.31
CA LEU A 357 12.06 14.29 -6.22
C LEU A 357 13.32 13.59 -6.74
N THR A 358 13.28 13.03 -7.95
CA THR A 358 14.46 12.49 -8.61
C THR A 358 14.68 13.20 -9.93
N ASP A 359 15.92 13.24 -10.38
CA ASP A 359 16.21 13.83 -11.67
CA ASP A 359 16.26 13.82 -11.68
C ASP A 359 16.26 12.75 -12.76
N PHE A 360 16.10 11.50 -12.34
CA PHE A 360 16.13 10.33 -13.25
C PHE A 360 14.80 9.58 -13.25
N SER A 361 14.55 8.86 -14.34
CA SER A 361 13.36 8.02 -14.50
C SER A 361 13.46 6.77 -13.66
N VAL A 362 12.39 6.42 -13.00
CA VAL A 362 12.25 5.15 -12.29
C VAL A 362 11.27 4.21 -13.00
N ASP A 363 10.86 4.61 -14.21
CA ASP A 363 10.01 3.86 -15.12
C ASP A 363 8.74 3.25 -14.47
N ALA A 364 8.73 1.95 -14.21
CA ALA A 364 7.50 1.26 -13.72
C ALA A 364 7.28 1.35 -12.22
N TRP A 365 8.20 1.99 -11.52
CA TRP A 365 8.11 2.21 -10.08
C TRP A 365 6.75 2.81 -9.66
N GLU A 366 6.21 2.27 -8.57
CA GLU A 366 5.20 2.92 -7.80
C GLU A 366 5.70 3.17 -6.38
N PRO A 367 5.15 4.19 -5.72
CA PRO A 367 5.62 4.49 -4.36
C PRO A 367 5.18 3.53 -3.27
N SER A 368 6.12 3.27 -2.35
CA SER A 368 5.81 2.76 -1.02
CA SER A 368 5.82 2.76 -1.02
C SER A 368 6.70 3.57 -0.06
N HIS A 369 6.23 3.75 1.17
CA HIS A 369 6.90 4.64 2.13
C HIS A 369 6.87 4.09 3.55
N ASP A 370 7.68 4.69 4.40
CA ASP A 370 7.87 4.26 5.77
C ASP A 370 6.72 4.86 6.56
N THR A 371 5.62 4.11 6.61
CA THR A 371 4.40 4.57 7.24
C THR A 371 4.63 4.97 8.71
N GLU A 372 5.41 4.17 9.42
CA GLU A 372 5.64 4.39 10.84
C GLU A 372 6.53 5.60 11.14
N LEU A 373 7.53 5.86 10.31
CA LEU A 373 8.35 7.04 10.46
C LEU A 373 7.54 8.32 10.26
N TRP A 374 6.60 8.31 9.32
CA TRP A 374 5.74 9.47 9.16
C TRP A 374 4.89 9.66 10.45
N LYS A 375 4.29 8.58 10.94
CA LYS A 375 3.43 8.68 12.10
C LYS A 375 4.17 9.15 13.36
N LYS A 376 5.37 8.64 13.56
CA LYS A 376 6.10 8.88 14.82
C LYS A 376 6.99 10.10 14.73
N GLN A 377 7.56 10.37 13.57
CA GLN A 377 8.56 11.43 13.44
C GLN A 377 8.30 12.51 12.39
N ARG A 378 7.17 12.41 11.68
CA ARG A 378 6.84 13.29 10.57
C ARG A 378 7.96 13.47 9.56
N LYS A 379 8.61 12.36 9.22
CA LYS A 379 9.57 12.30 8.11
C LYS A 379 9.02 11.36 7.07
N LEU A 380 9.21 11.73 5.80
CA LEU A 380 8.74 10.93 4.65
C LEU A 380 9.92 10.31 3.95
N HIS A 381 10.05 9.01 4.10
CA HIS A 381 11.08 8.23 3.45
C HIS A 381 10.39 7.30 2.49
N LEU A 382 10.88 7.32 1.26
CA LEU A 382 10.36 6.51 0.17
C LEU A 382 11.36 5.44 -0.26
N PHE A 383 10.80 4.26 -0.58
CA PHE A 383 11.50 3.18 -1.27
C PHE A 383 11.56 3.54 -2.76
N VAL A 384 12.75 3.78 -3.26
CA VAL A 384 12.94 4.26 -4.64
C VAL A 384 13.90 3.33 -5.38
N GLN A 385 13.47 2.84 -6.55
CA GLN A 385 14.27 1.95 -7.40
C GLN A 385 13.67 2.01 -8.79
N HIS A 386 14.52 2.19 -9.79
CA HIS A 386 14.10 2.05 -11.19
C HIS A 386 13.78 0.58 -11.48
N THR A 387 12.58 0.31 -12.01
CA THR A 387 12.22 -1.01 -12.45
C THR A 387 11.45 -0.91 -13.78
N ARG A 388 11.39 -2.04 -14.49
CA ARG A 388 10.71 -2.14 -15.78
CA ARG A 388 10.72 -2.17 -15.77
C ARG A 388 9.46 -3.01 -15.62
N GLN A 389 8.51 -2.81 -16.53
CA GLN A 389 7.35 -3.68 -16.66
C GLN A 389 7.72 -4.82 -17.60
N GLY A 390 8.12 -5.97 -17.02
CA GLY A 390 8.60 -7.13 -17.80
C GLY A 390 7.51 -8.09 -18.24
N ALA A 396 13.00 -8.48 -21.54
CA ALA A 396 14.25 -7.69 -21.45
C ALA A 396 14.93 -7.92 -20.11
N GLU A 397 16.16 -8.40 -20.20
CA GLU A 397 16.93 -8.69 -19.03
C GLU A 397 17.79 -7.46 -18.81
N ILE A 398 17.46 -6.66 -17.82
CA ILE A 398 18.32 -5.53 -17.47
C ILE A 398 19.05 -5.78 -16.15
N GLU A 399 20.14 -5.06 -15.99
CA GLU A 399 20.93 -5.14 -14.76
C GLU A 399 20.14 -4.65 -13.59
N PRO A 400 20.39 -5.25 -12.41
CA PRO A 400 19.69 -4.78 -11.24
C PRO A 400 20.08 -3.31 -10.97
N GLN A 401 19.09 -2.49 -10.65
CA GLN A 401 19.25 -1.06 -10.39
C GLN A 401 19.30 -0.79 -8.87
N ILE A 403 18.66 0.37 -5.23
CA ILE A 403 17.54 0.74 -4.35
C ILE A 403 18.05 1.84 -3.41
N TYR A 404 17.23 2.87 -3.27
CA TYR A 404 17.52 3.97 -2.34
C TYR A 404 16.41 4.14 -1.34
N VAL A 405 16.75 4.72 -0.18
CA VAL A 405 15.72 5.40 0.58
C VAL A 405 15.82 6.89 0.26
N LEU A 406 14.74 7.44 -0.25
CA LEU A 406 14.69 8.85 -0.54
C LEU A 406 14.12 9.55 0.68
N GLU A 407 14.97 10.36 1.30
CA GLU A 407 14.62 11.11 2.50
C GLU A 407 14.14 12.48 2.02
N THR A 408 12.84 12.69 2.09
CA THR A 408 12.25 13.83 1.43
CA THR A 408 12.21 13.82 1.43
C THR A 408 12.39 15.08 2.27
N ASN A 409 12.84 16.16 1.63
CA ASN A 409 12.84 17.47 2.23
C ASN A 409 11.45 18.09 1.96
#